data_4N2R
#
_entry.id   4N2R
#
_cell.length_a   60.080
_cell.length_b   66.070
_cell.length_c   68.100
_cell.angle_alpha   90.00
_cell.angle_beta   90.00
_cell.angle_gamma   90.00
#
_symmetry.space_group_name_H-M   'P 21 21 21'
#
loop_
_entity.id
_entity.type
_entity.pdbx_description
1 polymer 'alpha-L-arabinofuranosidase UmAbf62A'
2 non-polymer 'CALCIUM ION'
3 non-polymer beta-L-arabinofuranose
4 non-polymer alpha-L-arabinofuranose
5 non-polymer 2-AMINO-2-HYDROXYMETHYL-PROPANE-1,3-DIOL
6 water water
#
_entity_poly.entity_id   1
_entity_poly.type   'polypeptide(L)'
_entity_poly.pdbx_seq_one_letter_code
;NPETERRRSCALPTTYRWTSSAPLAQPKDGWVSLKDFTHVPYNGQHLVYASYHDSTKYGSMAFSPFKHWADMATATQTGM
TQAAVAPTVFYFTPKKLWFLVSQWGSAPFTYRTSTDPTKVNGWSAPQPLFTGKVADSGTGPIDQTVIADDRKVYLFFVAD
NGKVYRTSMAIGDFPANFGTASEVILSDTQAKLFEAVQVYTVAGQNQYLMIVEAQGTNGRYFRSFTANSLDGEWKVQAGS
ESAPFAGKANSGASWTNDVSHGDLIRSNPDQTMTIDPCRLQLLYQGRDKNKVPSSYDLAPYRPGLLTLYGLGLEQKLISE
EDLNSAVDHHHHHH
;
_entity_poly.pdbx_strand_id   A
#
# COMPACT_ATOMS: atom_id res chain seq x y z
N SER A 9 -25.38 1.49 -2.02
CA SER A 9 -23.94 1.88 -1.87
C SER A 9 -23.75 2.98 -0.79
N CYS A 10 -22.46 3.27 -0.51
CA CYS A 10 -22.02 4.28 0.53
C CYS A 10 -20.99 5.20 -0.07
N ALA A 11 -21.31 6.44 -0.26
CA ALA A 11 -20.36 7.37 -0.84
C ALA A 11 -19.18 7.55 0.08
N LEU A 12 -18.01 7.78 -0.46
CA LEU A 12 -16.87 8.22 0.38
C LEU A 12 -17.25 9.52 1.05
N PRO A 13 -16.91 9.70 2.34
CA PRO A 13 -17.36 10.86 3.06
C PRO A 13 -16.59 12.07 2.68
N THR A 14 -17.21 13.22 2.95
N THR A 14 -17.20 13.22 2.96
CA THR A 14 -16.48 14.52 2.87
CA THR A 14 -16.46 14.50 2.85
C THR A 14 -15.38 14.58 3.92
C THR A 14 -15.46 14.75 3.97
N THR A 15 -15.72 14.20 5.12
CA THR A 15 -14.85 14.28 6.32
C THR A 15 -14.70 12.86 6.82
N TYR A 16 -13.47 12.36 6.84
CA TYR A 16 -13.17 11.05 7.32
C TYR A 16 -12.97 11.02 8.83
N ARG A 17 -13.53 9.99 9.45
CA ARG A 17 -13.27 9.75 10.89
CA ARG A 17 -13.31 9.78 10.91
C ARG A 17 -13.12 8.25 11.07
N TRP A 18 -12.11 7.86 11.81
CA TRP A 18 -11.76 6.45 11.99
C TRP A 18 -11.67 6.12 13.48
N THR A 19 -11.78 4.82 13.78
CA THR A 19 -11.23 4.25 15.00
C THR A 19 -10.06 3.37 14.60
N SER A 20 -9.18 3.11 15.55
CA SER A 20 -7.95 2.35 15.30
C SER A 20 -7.80 1.20 16.25
N SER A 21 -7.23 0.13 15.76
CA SER A 21 -6.67 -0.92 16.59
C SER A 21 -5.42 -0.45 17.32
N ALA A 22 -5.04 -1.22 18.33
CA ALA A 22 -3.72 -1.27 18.89
C ALA A 22 -2.74 -1.85 17.79
N PRO A 23 -1.45 -1.82 18.07
CA PRO A 23 -0.51 -2.51 17.13
C PRO A 23 -0.98 -3.95 16.98
N LEU A 24 -1.03 -4.42 15.75
CA LEU A 24 -1.55 -5.72 15.46
C LEU A 24 -0.54 -6.88 15.58
N ALA A 25 0.74 -6.56 15.56
CA ALA A 25 1.78 -7.57 15.66
C ALA A 25 3.06 -6.85 15.98
N GLN A 26 3.95 -7.56 16.65
CA GLN A 26 5.36 -7.18 16.88
C GLN A 26 6.21 -7.96 15.93
N PRO A 27 7.32 -7.35 15.45
N PRO A 27 7.32 -7.35 15.45
CA PRO A 27 8.24 -8.11 14.61
CA PRO A 27 8.23 -8.12 14.59
C PRO A 27 8.77 -9.30 15.40
C PRO A 27 8.81 -9.28 15.38
N LYS A 28 8.99 -10.40 14.72
CA LYS A 28 9.63 -11.56 15.42
C LYS A 28 11.07 -11.29 15.74
N ASP A 29 11.60 -12.08 16.66
N ASP A 29 11.64 -12.15 16.58
CA ASP A 29 12.96 -11.92 17.11
CA ASP A 29 13.01 -12.09 17.00
C ASP A 29 13.86 -11.84 15.90
C ASP A 29 13.88 -11.86 15.83
N GLY A 30 14.73 -10.84 15.94
CA GLY A 30 15.67 -10.50 14.93
C GLY A 30 15.27 -9.40 14.01
N TRP A 31 14.00 -9.02 14.00
CA TRP A 31 13.49 -7.96 13.17
C TRP A 31 13.10 -6.75 14.03
N VAL A 32 13.20 -5.54 13.52
N VAL A 32 13.21 -5.57 13.45
CA VAL A 32 12.83 -4.35 14.26
CA VAL A 32 13.03 -4.29 14.09
C VAL A 32 11.51 -3.76 13.79
C VAL A 32 11.67 -3.63 13.69
N SER A 33 11.09 -3.97 12.52
CA SER A 33 9.89 -3.37 12.03
C SER A 33 9.22 -4.24 11.01
N LEU A 34 7.94 -3.94 10.84
CA LEU A 34 7.04 -4.52 9.81
C LEU A 34 6.37 -3.33 9.12
N LYS A 35 6.39 -3.31 7.78
CA LYS A 35 6.15 -2.09 7.01
C LYS A 35 5.46 -2.38 5.69
N ASP A 36 4.87 -1.31 5.11
CA ASP A 36 4.57 -1.28 3.68
C ASP A 36 3.60 -2.38 3.26
N PHE A 37 2.58 -2.61 4.11
CA PHE A 37 1.71 -3.76 3.98
C PHE A 37 0.97 -3.79 2.65
N THR A 38 0.74 -5.01 2.16
CA THR A 38 -0.21 -5.32 1.10
C THR A 38 -1.07 -6.48 1.56
N HIS A 39 -2.37 -6.38 1.40
CA HIS A 39 -3.31 -7.38 1.89
C HIS A 39 -4.25 -7.85 0.79
N VAL A 40 -4.49 -9.16 0.79
CA VAL A 40 -5.57 -9.68 -0.01
C VAL A 40 -6.41 -10.63 0.85
N PRO A 41 -7.72 -10.71 0.54
CA PRO A 41 -8.52 -11.83 1.10
C PRO A 41 -8.17 -13.10 0.33
N TYR A 42 -7.98 -14.19 1.00
CA TYR A 42 -7.59 -15.46 0.40
C TYR A 42 -8.25 -16.63 1.19
N ASN A 43 -9.10 -17.36 0.56
CA ASN A 43 -9.74 -18.50 1.18
C ASN A 43 -10.38 -18.17 2.52
N GLY A 44 -11.01 -16.97 2.60
CA GLY A 44 -11.70 -16.49 3.78
C GLY A 44 -10.76 -15.93 4.86
N GLN A 45 -9.49 -15.76 4.52
CA GLN A 45 -8.46 -15.37 5.46
C GLN A 45 -7.81 -14.07 5.00
N HIS A 46 -7.14 -13.42 5.91
CA HIS A 46 -6.24 -12.32 5.60
C HIS A 46 -4.89 -12.81 5.22
N LEU A 47 -4.42 -12.42 4.03
CA LEU A 47 -3.08 -12.72 3.55
C LEU A 47 -2.35 -11.40 3.39
N VAL A 48 -1.29 -11.24 4.20
CA VAL A 48 -0.52 -9.98 4.25
C VAL A 48 0.92 -10.27 3.95
N TYR A 49 1.44 -9.55 2.96
CA TYR A 49 2.87 -9.42 2.68
C TYR A 49 3.31 -8.05 3.14
N ALA A 50 4.61 -7.94 3.48
CA ALA A 50 5.11 -6.68 4.04
C ALA A 50 6.61 -6.61 3.80
N SER A 51 7.14 -5.39 3.89
CA SER A 51 8.56 -5.23 4.12
C SER A 51 8.86 -5.49 5.58
N TYR A 52 10.10 -5.80 5.88
CA TYR A 52 10.60 -5.78 7.24
C TYR A 52 11.95 -5.10 7.22
N HIS A 53 12.38 -4.63 8.39
CA HIS A 53 13.78 -4.23 8.55
C HIS A 53 14.34 -4.99 9.74
N ASP A 54 15.58 -5.46 9.63
CA ASP A 54 16.28 -6.10 10.74
C ASP A 54 17.25 -5.07 11.34
N SER A 55 18.38 -5.47 11.91
CA SER A 55 19.33 -4.51 12.42
CA SER A 55 19.29 -4.44 12.41
C SER A 55 20.00 -3.70 11.31
N THR A 56 20.05 -4.23 10.08
CA THR A 56 20.87 -3.63 9.05
C THR A 56 20.27 -3.49 7.66
N LYS A 57 19.19 -4.12 7.34
CA LYS A 57 18.69 -4.07 6.00
C LYS A 57 17.17 -4.26 5.94
N TYR A 58 16.62 -3.90 4.80
CA TYR A 58 15.22 -4.22 4.42
C TYR A 58 15.14 -5.61 3.80
N GLY A 59 14.05 -6.27 4.05
CA GLY A 59 13.66 -7.45 3.34
C GLY A 59 12.14 -7.48 3.20
N SER A 60 11.61 -8.63 2.82
CA SER A 60 10.15 -8.80 2.75
C SER A 60 9.76 -10.11 3.39
N MET A 61 8.45 -10.24 3.68
CA MET A 61 7.94 -11.33 4.44
C MET A 61 6.47 -11.48 4.17
N ALA A 62 5.91 -12.63 4.60
CA ALA A 62 4.47 -12.76 4.73
C ALA A 62 4.14 -13.34 6.11
N PHE A 63 2.90 -13.03 6.54
CA PHE A 63 2.29 -13.67 7.68
C PHE A 63 1.55 -14.90 7.26
N SER A 64 1.49 -15.92 8.10
CA SER A 64 0.63 -17.03 7.77
C SER A 64 -0.83 -16.51 7.61
N PRO A 65 -1.63 -17.13 6.78
CA PRO A 65 -3.02 -16.64 6.62
C PRO A 65 -3.71 -16.69 7.97
N PHE A 66 -4.54 -15.70 8.25
CA PHE A 66 -5.19 -15.61 9.56
C PHE A 66 -6.61 -15.12 9.37
N LYS A 67 -7.53 -15.69 10.12
N LYS A 67 -7.56 -15.70 10.07
CA LYS A 67 -8.93 -15.39 9.92
CA LYS A 67 -8.95 -15.32 9.84
C LYS A 67 -9.29 -14.02 10.43
C LYS A 67 -9.31 -13.96 10.46
N HIS A 68 -8.89 -13.69 11.67
CA HIS A 68 -9.31 -12.50 12.39
C HIS A 68 -8.12 -11.62 12.66
N TRP A 69 -8.31 -10.31 12.70
CA TRP A 69 -7.23 -9.40 13.00
C TRP A 69 -6.56 -9.69 14.35
N ALA A 70 -7.35 -10.20 15.33
CA ALA A 70 -6.84 -10.64 16.62
C ALA A 70 -5.71 -11.60 16.50
N ASP A 71 -5.74 -12.37 15.38
N ASP A 71 -5.64 -12.40 15.46
CA ASP A 71 -4.91 -13.55 14.99
CA ASP A 71 -4.55 -13.35 15.53
C ASP A 71 -3.52 -13.03 14.50
C ASP A 71 -3.43 -13.00 14.59
N MET A 72 -3.39 -11.78 14.05
CA MET A 72 -2.21 -11.34 13.38
C MET A 72 -1.00 -11.37 14.31
N ALA A 73 -1.22 -11.15 15.58
CA ALA A 73 -0.13 -11.04 16.53
C ALA A 73 0.66 -12.34 16.72
N THR A 74 0.01 -13.48 16.47
CA THR A 74 0.66 -14.75 16.63
C THR A 74 0.88 -15.49 15.30
N ALA A 75 0.41 -14.92 14.18
CA ALA A 75 0.65 -15.51 12.86
C ALA A 75 2.16 -15.68 12.68
N THR A 76 2.52 -16.71 11.95
N THR A 76 2.53 -16.74 12.00
CA THR A 76 3.94 -16.99 11.65
CA THR A 76 3.95 -16.95 11.72
C THR A 76 4.48 -15.99 10.64
C THR A 76 4.42 -15.79 10.78
N GLN A 77 5.64 -15.43 10.94
CA GLN A 77 6.31 -14.44 10.12
C GLN A 77 7.44 -15.12 9.37
N THR A 78 7.35 -15.16 8.07
CA THR A 78 8.34 -15.89 7.24
C THR A 78 9.00 -14.90 6.28
N GLY A 79 10.29 -14.80 6.36
CA GLY A 79 11.05 -13.99 5.43
C GLY A 79 11.15 -14.58 4.05
N MET A 80 11.12 -13.74 3.05
CA MET A 80 11.36 -14.12 1.68
C MET A 80 12.86 -14.19 1.47
N THR A 81 13.33 -15.28 0.87
N THR A 81 13.33 -15.26 0.84
CA THR A 81 14.77 -15.42 0.64
CA THR A 81 14.75 -15.42 0.52
C THR A 81 15.27 -14.53 -0.53
C THR A 81 15.22 -14.30 -0.43
N GLN A 82 14.41 -14.09 -1.46
CA GLN A 82 14.75 -13.06 -2.45
C GLN A 82 13.82 -11.88 -2.18
N ALA A 83 14.37 -10.84 -1.64
CA ALA A 83 13.62 -9.74 -1.16
C ALA A 83 12.71 -9.13 -2.18
N ALA A 84 11.53 -8.72 -1.71
CA ALA A 84 10.50 -8.06 -2.51
C ALA A 84 9.95 -6.90 -1.71
N VAL A 85 10.82 -5.88 -1.53
CA VAL A 85 10.52 -4.73 -0.72
C VAL A 85 9.34 -3.94 -1.28
N ALA A 86 8.49 -3.47 -0.36
CA ALA A 86 7.31 -2.63 -0.64
C ALA A 86 6.41 -3.34 -1.66
N PRO A 87 5.92 -4.52 -1.29
CA PRO A 87 5.24 -5.39 -2.25
C PRO A 87 3.80 -4.99 -2.55
N THR A 88 3.31 -5.46 -3.69
CA THR A 88 1.91 -5.36 -4.06
C THR A 88 1.48 -6.78 -4.48
N VAL A 89 0.43 -7.33 -3.85
CA VAL A 89 -0.06 -8.65 -4.22
C VAL A 89 -1.49 -8.54 -4.79
N PHE A 90 -1.73 -9.26 -5.88
CA PHE A 90 -3.06 -9.33 -6.46
C PHE A 90 -3.12 -10.53 -7.39
N TYR A 91 -4.34 -10.90 -7.75
CA TYR A 91 -4.65 -11.93 -8.72
C TYR A 91 -5.00 -11.28 -10.03
N PHE A 92 -4.34 -11.70 -11.13
CA PHE A 92 -4.62 -11.13 -12.46
C PHE A 92 -5.51 -12.09 -13.20
N THR A 93 -6.80 -11.75 -13.24
N THR A 93 -6.80 -11.82 -13.25
CA THR A 93 -7.80 -12.67 -13.74
CA THR A 93 -7.69 -12.81 -13.81
C THR A 93 -7.57 -13.07 -15.23
C THR A 93 -7.32 -13.18 -15.25
N PRO A 94 -7.03 -12.20 -16.13
CA PRO A 94 -6.80 -12.62 -17.54
C PRO A 94 -5.65 -13.55 -17.74
N LYS A 95 -4.82 -13.86 -16.72
CA LYS A 95 -3.80 -14.90 -16.78
C LYS A 95 -4.05 -16.00 -15.75
N LYS A 96 -5.09 -15.90 -14.92
CA LYS A 96 -5.33 -16.90 -13.91
CA LYS A 96 -5.37 -16.81 -13.82
C LYS A 96 -4.09 -17.15 -13.03
N LEU A 97 -3.40 -16.07 -12.65
CA LEU A 97 -2.18 -16.17 -11.88
C LEU A 97 -2.12 -15.04 -10.87
N TRP A 98 -1.51 -15.34 -9.73
CA TRP A 98 -1.15 -14.36 -8.73
C TRP A 98 0.15 -13.66 -9.07
N PHE A 99 0.21 -12.37 -8.69
CA PHE A 99 1.36 -11.51 -8.92
C PHE A 99 1.82 -10.90 -7.61
N LEU A 100 3.14 -10.77 -7.49
CA LEU A 100 3.78 -10.01 -6.42
C LEU A 100 4.75 -9.05 -7.12
N VAL A 101 4.44 -7.77 -7.01
CA VAL A 101 5.26 -6.72 -7.60
C VAL A 101 6.05 -6.04 -6.47
N SER A 102 7.28 -5.65 -6.73
CA SER A 102 8.11 -5.09 -5.68
C SER A 102 9.21 -4.28 -6.28
N GLN A 103 10.01 -3.64 -5.43
CA GLN A 103 11.10 -2.76 -5.89
C GLN A 103 12.42 -3.38 -5.59
N TRP A 104 13.31 -3.03 -6.51
CA TRP A 104 14.76 -3.28 -6.41
C TRP A 104 15.13 -4.70 -6.67
N GLY A 105 16.44 -4.92 -6.81
CA GLY A 105 16.93 -6.20 -7.26
C GLY A 105 17.19 -6.08 -8.71
N SER A 106 16.57 -6.89 -9.46
CA SER A 106 17.09 -6.97 -10.80
C SER A 106 16.58 -5.82 -11.66
N ALA A 107 15.54 -5.06 -11.22
CA ALA A 107 15.03 -3.95 -12.03
C ALA A 107 14.40 -2.99 -11.04
N PRO A 108 14.16 -1.75 -11.45
CA PRO A 108 13.50 -0.77 -10.59
C PRO A 108 12.20 -1.33 -9.93
N PHE A 109 11.31 -1.88 -10.71
CA PHE A 109 10.23 -2.73 -10.21
C PHE A 109 10.26 -4.04 -10.95
N THR A 110 9.93 -5.10 -10.23
CA THR A 110 9.89 -6.48 -10.75
C THR A 110 8.52 -7.08 -10.49
N TYR A 111 8.21 -8.15 -11.22
CA TYR A 111 7.06 -9.00 -10.91
C TYR A 111 7.49 -10.44 -10.79
N ARG A 112 6.73 -11.18 -9.97
CA ARG A 112 6.91 -12.60 -9.87
CA ARG A 112 6.87 -12.62 -9.80
C ARG A 112 5.45 -13.18 -9.76
N THR A 113 5.31 -14.47 -10.07
CA THR A 113 4.03 -15.09 -10.19
C THR A 113 3.93 -16.37 -9.40
N SER A 114 2.70 -16.77 -9.15
N SER A 114 2.71 -16.78 -9.15
CA SER A 114 2.35 -17.98 -8.38
CA SER A 114 2.44 -18.05 -8.48
C SER A 114 0.92 -18.42 -8.62
C SER A 114 0.99 -18.45 -8.70
N THR A 115 0.69 -19.74 -8.48
CA THR A 115 -0.66 -20.23 -8.42
C THR A 115 -1.20 -20.24 -7.01
N ASP A 116 -0.37 -20.09 -5.97
CA ASP A 116 -0.77 -20.09 -4.61
C ASP A 116 0.03 -19.02 -3.89
N PRO A 117 -0.60 -17.85 -3.60
CA PRO A 117 0.14 -16.73 -3.11
C PRO A 117 0.54 -16.84 -1.68
N THR A 118 0.10 -17.90 -0.98
CA THR A 118 0.47 -18.12 0.37
C THR A 118 1.85 -18.82 0.47
N LYS A 119 2.38 -19.31 -0.65
CA LYS A 119 3.75 -19.98 -0.64
C LYS A 119 4.77 -18.87 -0.65
N VAL A 120 5.23 -18.49 0.54
CA VAL A 120 6.05 -17.30 0.74
C VAL A 120 7.29 -17.29 -0.14
N ASN A 121 7.90 -18.47 -0.25
CA ASN A 121 9.08 -18.68 -1.04
C ASN A 121 8.83 -19.56 -2.26
N GLY A 122 7.60 -19.52 -2.79
CA GLY A 122 7.24 -20.29 -3.96
C GLY A 122 7.03 -19.49 -5.22
N TRP A 123 7.40 -18.22 -5.21
CA TRP A 123 7.17 -17.37 -6.37
C TRP A 123 8.19 -17.62 -7.48
N SER A 124 7.81 -17.29 -8.70
CA SER A 124 8.69 -17.42 -9.86
C SER A 124 9.87 -16.47 -9.71
N ALA A 125 10.85 -16.66 -10.62
CA ALA A 125 11.99 -15.75 -10.65
C ALA A 125 11.50 -14.37 -11.03
N PRO A 126 12.01 -13.32 -10.40
CA PRO A 126 11.51 -11.96 -10.74
C PRO A 126 11.91 -11.56 -12.13
N GLN A 127 11.00 -10.87 -12.82
CA GLN A 127 11.23 -10.32 -14.15
C GLN A 127 11.03 -8.83 -14.08
N PRO A 128 11.67 -8.09 -14.99
CA PRO A 128 11.47 -6.63 -14.98
C PRO A 128 10.05 -6.22 -15.29
N LEU A 129 9.52 -5.37 -14.44
CA LEU A 129 8.23 -4.74 -14.67
CA LEU A 129 8.21 -4.73 -14.65
C LEU A 129 8.33 -3.29 -15.04
N PHE A 130 9.38 -2.60 -14.63
CA PHE A 130 9.63 -1.19 -14.97
C PHE A 130 11.09 -0.96 -14.91
N THR A 131 11.65 -0.28 -15.90
CA THR A 131 13.04 -0.01 -16.02
C THR A 131 13.34 1.48 -16.17
N GLY A 132 12.44 2.32 -15.70
CA GLY A 132 12.63 3.76 -15.81
C GLY A 132 13.33 4.39 -14.63
N LYS A 133 13.74 5.63 -14.88
CA LYS A 133 14.25 6.59 -13.88
C LYS A 133 13.43 7.87 -14.01
N VAL A 134 13.51 8.72 -12.96
CA VAL A 134 12.89 10.02 -12.96
C VAL A 134 13.82 11.08 -12.46
N ALA A 135 13.48 12.34 -12.71
CA ALA A 135 14.30 13.48 -12.35
C ALA A 135 14.07 13.92 -10.92
N ASP A 136 15.07 14.60 -10.39
CA ASP A 136 14.92 15.34 -9.15
C ASP A 136 14.44 14.40 -8.00
N SER A 137 15.08 13.22 -7.91
CA SER A 137 14.75 12.28 -6.92
C SER A 137 15.98 11.66 -6.34
N GLY A 138 16.11 11.62 -5.03
CA GLY A 138 17.22 10.95 -4.42
C GLY A 138 17.03 9.45 -4.29
N THR A 139 15.83 8.96 -4.38
CA THR A 139 15.55 7.57 -4.24
C THR A 139 15.33 6.87 -5.56
N GLY A 140 14.89 7.59 -6.58
CA GLY A 140 14.32 6.94 -7.77
C GLY A 140 12.93 6.45 -7.51
N PRO A 141 12.35 5.76 -8.48
CA PRO A 141 11.00 5.22 -8.34
C PRO A 141 10.89 4.31 -7.13
N ILE A 142 9.85 4.49 -6.32
CA ILE A 142 9.59 3.69 -5.17
C ILE A 142 8.09 3.51 -5.00
N ASP A 143 7.73 2.52 -4.21
CA ASP A 143 6.36 2.38 -3.70
C ASP A 143 5.34 2.29 -4.84
N GLN A 144 5.58 1.36 -5.76
CA GLN A 144 4.60 1.17 -6.83
C GLN A 144 3.27 0.63 -6.31
N THR A 145 2.25 0.84 -7.11
CA THR A 145 1.08 0.00 -7.11
C THR A 145 0.73 -0.29 -8.57
N VAL A 146 -0.11 -1.32 -8.77
CA VAL A 146 -0.55 -1.74 -10.07
C VAL A 146 -2.07 -1.91 -9.99
N ILE A 147 -2.77 -1.48 -11.03
CA ILE A 147 -4.24 -1.55 -11.05
C ILE A 147 -4.67 -1.60 -12.50
N ALA A 148 -5.75 -2.27 -12.81
CA ALA A 148 -6.27 -2.34 -14.18
C ALA A 148 -7.74 -1.97 -14.24
N ASP A 149 -8.11 -1.54 -15.43
CA ASP A 149 -9.48 -1.45 -15.86
C ASP A 149 -9.71 -2.52 -16.94
N ASP A 150 -10.76 -2.41 -17.73
CA ASP A 150 -11.00 -3.39 -18.76
C ASP A 150 -10.09 -3.25 -19.97
N ARG A 151 -9.38 -2.13 -20.07
CA ARG A 151 -8.57 -1.81 -21.21
C ARG A 151 -7.08 -1.88 -21.01
N LYS A 152 -6.61 -1.46 -19.89
CA LYS A 152 -5.20 -1.28 -19.61
C LYS A 152 -4.85 -1.68 -18.22
N VAL A 153 -3.58 -2.03 -18.04
CA VAL A 153 -2.97 -2.17 -16.71
C VAL A 153 -2.07 -0.94 -16.53
N TYR A 154 -2.20 -0.32 -15.35
N TYR A 154 -2.12 -0.40 -15.32
CA TYR A 154 -1.48 0.91 -14.97
CA TYR A 154 -1.40 0.79 -14.98
C TYR A 154 -0.51 0.61 -13.82
C TYR A 154 -0.43 0.49 -13.85
N LEU A 155 0.65 1.25 -13.88
CA LEU A 155 1.65 1.31 -12.82
C LEU A 155 1.72 2.75 -12.35
N PHE A 156 1.50 2.93 -11.04
CA PHE A 156 1.66 4.23 -10.40
C PHE A 156 2.83 4.14 -9.44
N PHE A 157 3.61 5.21 -9.28
CA PHE A 157 4.67 5.20 -8.29
C PHE A 157 5.00 6.61 -7.89
N VAL A 158 5.84 6.73 -6.88
CA VAL A 158 6.30 7.99 -6.29
C VAL A 158 7.84 7.95 -6.22
N ALA A 159 8.44 8.99 -5.68
CA ALA A 159 9.90 9.13 -5.77
C ALA A 159 10.44 10.06 -4.70
N ASP A 160 9.75 10.18 -3.56
CA ASP A 160 10.25 11.02 -2.47
C ASP A 160 10.51 12.46 -2.99
N ASN A 161 9.69 12.95 -3.88
CA ASN A 161 10.02 14.20 -4.58
C ASN A 161 8.86 15.06 -4.93
N GLY A 162 7.70 14.84 -4.36
CA GLY A 162 6.56 15.65 -4.64
C GLY A 162 5.77 15.33 -5.90
N LYS A 163 6.12 14.26 -6.57
CA LYS A 163 5.45 13.87 -7.80
C LYS A 163 4.92 12.44 -7.71
N VAL A 164 3.79 12.26 -8.38
CA VAL A 164 3.19 10.96 -8.61
C VAL A 164 3.33 10.67 -10.11
N TYR A 165 3.71 9.47 -10.46
CA TYR A 165 4.02 9.07 -11.84
C TYR A 165 3.08 7.93 -12.27
N ARG A 166 2.86 7.83 -13.55
CA ARG A 166 2.01 6.79 -14.13
C ARG A 166 2.57 6.30 -15.43
N THR A 167 2.43 5.02 -15.70
CA THR A 167 2.58 4.42 -17.03
C THR A 167 1.53 3.34 -17.18
N SER A 168 1.42 2.77 -18.36
CA SER A 168 0.36 1.81 -18.65
C SER A 168 0.75 0.93 -19.79
N MET A 169 0.02 -0.15 -19.98
CA MET A 169 0.11 -1.01 -21.15
C MET A 169 -1.28 -1.57 -21.39
N ALA A 170 -1.53 -2.08 -22.60
CA ALA A 170 -2.74 -2.76 -22.92
C ALA A 170 -2.95 -3.97 -22.02
N ILE A 171 -4.20 -4.22 -21.62
CA ILE A 171 -4.47 -5.32 -20.71
C ILE A 171 -3.96 -6.65 -21.23
N GLY A 172 -4.07 -6.85 -22.55
CA GLY A 172 -3.64 -8.07 -23.17
C GLY A 172 -2.18 -8.30 -23.24
N ASP A 173 -1.38 -7.31 -22.87
CA ASP A 173 0.05 -7.44 -22.85
C ASP A 173 0.63 -7.86 -21.49
N PHE A 174 -0.19 -7.78 -20.44
CA PHE A 174 0.33 -7.96 -19.10
C PHE A 174 0.50 -9.45 -18.78
N PRO A 175 1.56 -9.85 -18.13
CA PRO A 175 2.68 -9.05 -17.66
C PRO A 175 3.74 -8.91 -18.75
N ALA A 176 4.48 -7.80 -18.65
CA ALA A 176 5.59 -7.47 -19.48
C ALA A 176 6.30 -6.30 -18.79
N ASN A 177 7.48 -5.91 -19.27
CA ASN A 177 8.08 -4.68 -18.76
C ASN A 177 7.25 -3.49 -19.30
N PHE A 178 6.78 -2.61 -18.45
CA PHE A 178 6.19 -1.39 -18.89
C PHE A 178 7.15 -0.54 -19.70
N GLY A 179 8.43 -0.66 -19.40
CA GLY A 179 9.45 0.07 -20.12
C GLY A 179 10.10 1.16 -19.29
N THR A 180 10.57 2.17 -20.02
CA THR A 180 11.31 3.27 -19.43
C THR A 180 10.48 4.53 -19.24
N ALA A 181 9.37 4.68 -19.92
CA ALA A 181 8.63 5.95 -19.91
C ALA A 181 7.75 6.03 -18.64
N SER A 182 7.54 7.26 -18.22
CA SER A 182 6.52 7.56 -17.22
C SER A 182 6.12 9.01 -17.34
N GLU A 183 4.94 9.35 -16.86
CA GLU A 183 4.47 10.72 -16.87
CA GLU A 183 4.43 10.69 -16.90
C GLU A 183 4.14 11.16 -15.47
N VAL A 184 4.45 12.43 -15.17
CA VAL A 184 4.01 13.07 -13.94
C VAL A 184 2.54 13.38 -14.03
N ILE A 185 1.73 12.91 -13.07
CA ILE A 185 0.30 13.15 -13.06
C ILE A 185 -0.12 14.06 -11.92
N LEU A 186 0.70 14.21 -10.89
CA LEU A 186 0.44 15.13 -9.79
C LEU A 186 1.78 15.68 -9.34
N SER A 187 1.82 16.94 -8.95
CA SER A 187 3.05 17.59 -8.53
C SER A 187 2.75 18.56 -7.43
N ASP A 188 3.52 18.53 -6.35
CA ASP A 188 3.34 19.40 -5.19
C ASP A 188 4.71 19.40 -4.48
N THR A 189 4.75 19.93 -3.24
CA THR A 189 5.95 19.88 -2.48
C THR A 189 6.32 18.40 -2.21
N GLN A 190 7.62 18.22 -1.90
CA GLN A 190 8.12 16.94 -1.48
C GLN A 190 7.29 16.38 -0.32
N ALA A 191 6.96 17.20 0.66
CA ALA A 191 6.23 16.74 1.79
C ALA A 191 4.84 16.32 1.43
N LYS A 192 4.18 16.99 0.49
CA LYS A 192 2.77 16.76 0.20
C LYS A 192 2.51 15.53 -0.64
N LEU A 193 3.45 15.11 -1.49
CA LEU A 193 3.29 13.93 -2.33
C LEU A 193 4.59 13.11 -2.22
N PHE A 194 4.70 12.37 -1.13
CA PHE A 194 5.98 11.87 -0.70
C PHE A 194 6.15 10.39 -1.07
N GLU A 195 5.29 9.50 -0.52
CA GLU A 195 5.49 8.04 -0.58
C GLU A 195 4.19 7.29 -0.67
N ALA A 196 4.29 6.00 -0.93
CA ALA A 196 3.23 5.06 -0.53
C ALA A 196 1.92 5.28 -1.26
N VAL A 197 1.98 5.56 -2.59
CA VAL A 197 0.79 5.73 -3.37
C VAL A 197 0.02 4.42 -3.46
N GLN A 198 -1.31 4.52 -3.39
CA GLN A 198 -2.19 3.41 -3.61
C GLN A 198 -3.38 3.89 -4.45
N VAL A 199 -3.94 3.02 -5.27
CA VAL A 199 -5.06 3.33 -6.13
C VAL A 199 -6.04 2.16 -6.08
N TYR A 200 -7.33 2.49 -6.08
CA TYR A 200 -8.39 1.50 -5.90
C TYR A 200 -9.58 1.85 -6.79
N THR A 201 -10.32 0.82 -7.17
CA THR A 201 -11.64 0.93 -7.76
C THR A 201 -12.66 0.99 -6.62
N VAL A 202 -13.51 2.03 -6.60
CA VAL A 202 -14.48 2.18 -5.49
C VAL A 202 -15.78 1.49 -5.88
N ALA A 203 -16.07 0.36 -5.26
CA ALA A 203 -17.23 -0.44 -5.61
C ALA A 203 -18.53 0.37 -5.48
N GLY A 204 -19.36 0.33 -6.52
CA GLY A 204 -20.67 0.95 -6.50
C GLY A 204 -20.68 2.45 -6.64
N GLN A 205 -19.51 3.08 -6.77
CA GLN A 205 -19.41 4.54 -6.81
C GLN A 205 -18.91 5.06 -8.18
N ASN A 206 -18.62 4.16 -9.11
CA ASN A 206 -18.27 4.54 -10.45
C ASN A 206 -17.09 5.53 -10.48
N GLN A 207 -16.08 5.30 -9.67
CA GLN A 207 -14.93 6.20 -9.54
C GLN A 207 -13.72 5.41 -9.04
N TYR A 208 -12.60 6.08 -9.06
CA TYR A 208 -11.33 5.61 -8.57
C TYR A 208 -10.84 6.53 -7.44
N LEU A 209 -10.16 5.89 -6.47
CA LEU A 209 -9.59 6.54 -5.30
C LEU A 209 -8.09 6.34 -5.26
N MET A 210 -7.35 7.45 -5.06
CA MET A 210 -5.92 7.39 -4.83
C MET A 210 -5.64 7.94 -3.45
N ILE A 211 -4.72 7.30 -2.73
CA ILE A 211 -4.16 7.86 -1.52
C ILE A 211 -2.64 7.97 -1.67
N VAL A 212 -2.07 9.04 -1.10
CA VAL A 212 -0.66 9.30 -1.14
C VAL A 212 -0.22 9.71 0.26
N GLU A 213 0.89 9.20 0.72
CA GLU A 213 1.44 9.57 2.03
C GLU A 213 2.25 10.86 1.93
N ALA A 214 1.97 11.74 2.87
CA ALA A 214 2.58 13.03 3.03
C ALA A 214 3.27 13.09 4.41
N GLN A 215 4.29 13.95 4.49
N GLN A 215 4.23 14.01 4.50
CA GLN A 215 4.92 14.27 5.77
CA GLN A 215 4.90 14.33 5.76
C GLN A 215 4.28 15.55 6.35
C GLN A 215 4.19 15.56 6.32
N GLY A 216 3.59 15.41 7.48
CA GLY A 216 2.95 16.48 8.17
C GLY A 216 3.84 17.03 9.26
N THR A 217 3.37 18.13 9.85
CA THR A 217 4.12 18.62 11.01
CA THR A 217 3.98 18.71 11.06
C THR A 217 3.93 17.74 12.24
N ASN A 218 2.82 17.02 12.32
CA ASN A 218 2.55 16.15 13.47
C ASN A 218 2.80 14.70 13.21
N GLY A 219 3.06 14.31 11.99
CA GLY A 219 3.33 12.93 11.64
C GLY A 219 3.02 12.69 10.15
N ARG A 220 3.25 11.47 9.72
CA ARG A 220 2.86 11.03 8.38
C ARG A 220 1.35 10.94 8.29
N TYR A 221 0.81 11.27 7.15
CA TYR A 221 -0.65 11.17 6.95
C TYR A 221 -0.92 10.90 5.51
N PHE A 222 -2.15 10.41 5.21
CA PHE A 222 -2.58 10.18 3.83
C PHE A 222 -3.51 11.25 3.35
N ARG A 223 -3.30 11.62 2.08
CA ARG A 223 -4.12 12.53 1.30
C ARG A 223 -4.82 11.74 0.23
N SER A 224 -6.10 12.02 0.00
CA SER A 224 -6.86 11.33 -1.03
C SER A 224 -7.16 12.22 -2.22
N PHE A 225 -7.34 11.54 -3.34
CA PHE A 225 -7.70 12.10 -4.64
C PHE A 225 -8.69 11.16 -5.30
N THR A 226 -9.55 11.69 -6.18
CA THR A 226 -10.41 10.86 -6.97
C THR A 226 -10.26 11.17 -8.46
N ALA A 227 -10.67 10.21 -9.28
CA ALA A 227 -10.63 10.33 -10.72
C ALA A 227 -11.78 9.52 -11.34
N ASN A 228 -12.16 9.88 -12.57
CA ASN A 228 -13.27 9.18 -13.26
C ASN A 228 -12.80 8.01 -14.11
N SER A 229 -11.50 7.89 -14.16
CA SER A 229 -10.76 6.81 -14.96
CA SER A 229 -10.61 6.91 -15.01
C SER A 229 -9.18 6.76 -14.63
N LEU A 230 -8.62 5.59 -14.78
CA LEU A 230 -7.23 5.45 -14.35
C LEU A 230 -6.28 6.30 -15.18
N ASP A 231 -6.70 6.65 -16.42
CA ASP A 231 -5.95 7.57 -17.28
C ASP A 231 -6.42 8.99 -17.17
N GLY A 232 -7.30 9.29 -16.21
CA GLY A 232 -7.88 10.63 -16.07
C GLY A 232 -7.09 11.52 -15.14
N GLU A 233 -7.62 12.69 -14.91
CA GLU A 233 -7.06 13.67 -14.02
C GLU A 233 -7.51 13.40 -12.57
N TRP A 234 -6.57 13.50 -11.66
CA TRP A 234 -6.82 13.30 -10.23
C TRP A 234 -7.03 14.63 -9.55
N LYS A 235 -8.09 14.71 -8.77
CA LYS A 235 -8.41 15.93 -8.04
C LYS A 235 -8.46 15.62 -6.56
N VAL A 236 -7.93 16.53 -5.76
CA VAL A 236 -7.86 16.32 -4.34
CA VAL A 236 -7.86 16.35 -4.32
C VAL A 236 -9.24 16.14 -3.75
N GLN A 237 -9.33 15.22 -2.79
CA GLN A 237 -10.53 14.94 -2.04
C GLN A 237 -10.34 15.39 -0.59
N ALA A 238 -9.45 14.78 0.15
CA ALA A 238 -9.12 15.12 1.51
C ALA A 238 -7.61 15.26 1.60
N GLY A 239 -7.14 16.50 1.52
CA GLY A 239 -5.74 16.76 1.34
C GLY A 239 -4.97 17.55 2.38
N SER A 240 -5.63 18.05 3.42
CA SER A 240 -4.96 18.82 4.42
CA SER A 240 -4.96 18.84 4.42
C SER A 240 -4.62 17.95 5.63
N GLU A 241 -3.55 18.29 6.33
CA GLU A 241 -3.17 17.51 7.51
C GLU A 241 -4.28 17.55 8.57
N SER A 242 -4.97 18.72 8.66
CA SER A 242 -6.02 18.86 9.64
C SER A 242 -7.33 18.18 9.27
N ALA A 243 -7.50 17.83 8.02
CA ALA A 243 -8.67 17.11 7.54
C ALA A 243 -8.24 16.15 6.45
N PRO A 244 -7.49 15.12 6.82
CA PRO A 244 -6.84 14.25 5.86
C PRO A 244 -7.72 13.10 5.46
N PHE A 245 -7.21 12.25 4.56
CA PHE A 245 -7.83 10.95 4.40
C PHE A 245 -7.70 10.15 5.70
N ALA A 246 -6.45 10.08 6.22
CA ALA A 246 -6.17 9.39 7.49
C ALA A 246 -4.88 9.95 8.05
N GLY A 247 -4.92 10.33 9.31
CA GLY A 247 -3.75 10.89 9.97
C GLY A 247 -4.04 11.07 11.45
N LYS A 248 -3.10 11.63 12.21
CA LYS A 248 -3.35 11.89 13.61
CA LYS A 248 -3.35 11.88 13.62
C LYS A 248 -4.63 12.68 13.85
N ALA A 249 -5.01 13.56 12.94
CA ALA A 249 -6.18 14.35 13.17
C ALA A 249 -7.48 13.55 13.23
N ASN A 250 -7.55 12.37 12.65
CA ASN A 250 -8.80 11.63 12.53
C ASN A 250 -8.69 10.12 12.66
N SER A 251 -7.53 9.61 13.12
CA SER A 251 -7.33 8.15 13.08
C SER A 251 -7.96 7.42 14.29
N GLY A 252 -8.08 8.14 15.40
CA GLY A 252 -8.41 7.50 16.65
C GLY A 252 -7.31 6.68 17.25
N ALA A 253 -6.09 6.74 16.75
CA ALA A 253 -4.98 5.96 17.23
C ALA A 253 -4.24 6.67 18.33
N SER A 254 -4.23 6.09 19.51
CA SER A 254 -3.56 6.76 20.62
C SER A 254 -2.10 6.48 20.61
N TRP A 255 -1.65 5.39 19.98
CA TRP A 255 -0.31 4.88 20.18
C TRP A 255 0.71 5.45 19.17
N THR A 256 0.20 5.98 18.05
CA THR A 256 1.04 6.43 16.95
C THR A 256 0.53 7.78 16.50
N ASN A 257 1.44 8.69 16.16
CA ASN A 257 1.11 9.91 15.45
C ASN A 257 1.18 9.70 13.95
N ASP A 258 1.92 8.79 13.44
CA ASP A 258 2.02 8.47 12.03
C ASP A 258 0.88 7.55 11.63
N VAL A 259 0.34 7.82 10.43
CA VAL A 259 -0.46 6.88 9.67
C VAL A 259 0.22 6.78 8.32
N SER A 260 0.87 5.64 8.05
CA SER A 260 1.86 5.51 6.99
C SER A 260 1.68 4.20 6.21
N HIS A 261 2.49 4.08 5.17
CA HIS A 261 2.43 3.08 4.11
C HIS A 261 1.70 1.78 4.47
N GLY A 262 0.58 1.56 3.78
CA GLY A 262 -0.12 0.30 3.85
C GLY A 262 -1.06 0.11 2.70
N ASP A 263 -2.25 -0.42 3.01
CA ASP A 263 -3.22 -0.81 1.97
C ASP A 263 -4.59 -0.73 2.55
N LEU A 264 -5.53 -0.12 1.84
CA LEU A 264 -6.94 -0.29 2.17
C LEU A 264 -7.28 -1.78 2.04
N ILE A 265 -8.28 -2.21 2.80
CA ILE A 265 -8.78 -3.60 2.71
C ILE A 265 -9.61 -3.76 1.47
N ARG A 266 -9.13 -4.60 0.56
CA ARG A 266 -9.77 -4.83 -0.73
C ARG A 266 -10.78 -5.96 -0.61
N SER A 267 -11.89 -5.80 -1.31
CA SER A 267 -13.06 -6.68 -1.23
C SER A 267 -12.91 -7.97 -2.05
N ASN A 268 -11.99 -7.96 -2.98
CA ASN A 268 -11.64 -9.13 -3.76
C ASN A 268 -10.19 -8.94 -4.22
N PRO A 269 -9.49 -10.03 -4.45
CA PRO A 269 -8.04 -9.92 -4.62
C PRO A 269 -7.57 -9.55 -6.05
N ASP A 270 -8.46 -9.25 -6.96
CA ASP A 270 -8.07 -9.12 -8.34
C ASP A 270 -7.43 -7.79 -8.69
N GLN A 271 -7.08 -7.66 -9.95
CA GLN A 271 -6.27 -6.54 -10.46
C GLN A 271 -6.98 -5.20 -10.46
N THR A 272 -8.32 -5.20 -10.23
CA THR A 272 -9.05 -3.95 -10.15
C THR A 272 -8.87 -3.28 -8.78
N MET A 273 -8.26 -3.95 -7.81
N MET A 273 -8.25 -3.94 -7.81
CA MET A 273 -8.00 -3.30 -6.52
CA MET A 273 -7.98 -3.29 -6.50
CA MET A 273 -8.00 -3.31 -6.51
C MET A 273 -9.27 -2.66 -5.93
C MET A 273 -9.26 -2.66 -5.94
N THR A 274 -10.34 -3.45 -5.95
CA THR A 274 -11.62 -2.94 -5.51
C THR A 274 -11.74 -2.88 -3.99
N ILE A 275 -12.32 -1.79 -3.53
CA ILE A 275 -12.68 -1.58 -2.10
C ILE A 275 -14.19 -1.36 -2.00
N ASP A 276 -14.71 -1.77 -0.86
CA ASP A 276 -16.10 -1.56 -0.49
C ASP A 276 -16.22 -0.32 0.35
N PRO A 277 -16.76 0.78 -0.16
CA PRO A 277 -16.81 1.99 0.64
C PRO A 277 -17.79 1.93 1.80
N CYS A 278 -18.60 0.89 1.87
CA CYS A 278 -19.41 0.65 3.02
C CYS A 278 -18.70 -0.03 4.16
N ARG A 279 -17.48 -0.55 3.90
N ARG A 279 -17.47 -0.50 3.92
CA ARG A 279 -16.66 -1.23 4.88
CA ARG A 279 -16.68 -1.20 4.90
C ARG A 279 -15.21 -0.74 4.73
C ARG A 279 -15.21 -0.75 4.74
N LEU A 280 -15.02 0.56 4.75
CA LEU A 280 -13.69 1.12 4.54
C LEU A 280 -12.79 0.87 5.75
N GLN A 281 -11.63 0.28 5.47
CA GLN A 281 -10.63 -0.04 6.48
C GLN A 281 -9.26 0.14 5.86
N LEU A 282 -8.32 0.60 6.65
CA LEU A 282 -6.91 0.82 6.24
C LEU A 282 -5.96 0.01 7.10
N LEU A 283 -5.20 -0.88 6.51
CA LEU A 283 -4.07 -1.56 7.16
C LEU A 283 -2.86 -0.63 6.94
N TYR A 284 -2.36 -0.03 8.02
CA TYR A 284 -1.32 0.97 7.92
C TYR A 284 -0.11 0.59 8.77
N GLN A 285 0.97 1.31 8.62
CA GLN A 285 2.09 1.26 9.53
C GLN A 285 2.11 2.46 10.42
N GLY A 286 2.29 2.18 11.71
CA GLY A 286 2.41 3.18 12.74
C GLY A 286 3.60 2.89 13.65
N ARG A 287 3.95 3.86 14.49
CA ARG A 287 5.12 3.68 15.37
CA ARG A 287 5.07 3.62 15.40
C ARG A 287 4.81 4.35 16.68
N ASP A 288 5.37 3.83 17.79
CA ASP A 288 5.17 4.40 19.10
C ASP A 288 5.59 5.83 19.15
N LYS A 289 4.65 6.72 19.43
CA LYS A 289 4.88 8.13 19.46
C LYS A 289 5.78 8.56 20.60
N ASN A 290 5.97 7.72 21.61
CA ASN A 290 6.80 8.06 22.68
C ASN A 290 8.22 7.48 22.58
N LYS A 291 8.56 6.79 21.50
CA LYS A 291 9.89 6.21 21.40
C LYS A 291 10.74 7.28 20.73
N VAL A 292 11.80 7.67 21.46
CA VAL A 292 12.67 8.74 21.02
C VAL A 292 13.17 8.48 19.59
N PRO A 293 13.45 9.59 18.90
CA PRO A 293 13.96 9.45 17.54
C PRO A 293 15.17 8.49 17.46
N SER A 294 15.23 7.67 16.43
CA SER A 294 16.56 7.29 15.99
C SER A 294 16.53 7.29 14.47
N SER A 295 17.40 6.52 13.86
CA SER A 295 17.38 6.49 12.43
C SER A 295 16.06 6.03 11.91
N TYR A 296 15.73 6.62 10.78
CA TYR A 296 14.46 6.24 10.14
C TYR A 296 14.41 4.76 9.82
N ASP A 297 15.51 4.21 9.29
CA ASP A 297 15.46 2.80 8.88
C ASP A 297 15.31 1.87 10.07
N LEU A 298 15.59 2.32 11.31
CA LEU A 298 15.38 1.54 12.51
C LEU A 298 14.09 1.89 13.24
N ALA A 299 13.24 2.69 12.58
CA ALA A 299 12.02 3.10 13.24
C ALA A 299 11.13 1.86 13.52
N PRO A 300 10.51 1.78 14.68
CA PRO A 300 9.80 0.54 15.07
C PRO A 300 8.35 0.57 14.54
N TYR A 301 8.21 0.50 13.23
CA TYR A 301 6.90 0.43 12.63
C TYR A 301 6.24 -0.93 12.91
N ARG A 302 4.91 -0.84 13.02
CA ARG A 302 4.01 -1.96 13.34
C ARG A 302 2.75 -1.82 12.52
N PRO A 303 2.07 -2.91 12.21
CA PRO A 303 0.77 -2.80 11.58
C PRO A 303 -0.28 -2.29 12.53
N GLY A 304 -1.23 -1.55 11.96
CA GLY A 304 -2.45 -1.15 12.64
C GLY A 304 -3.62 -1.17 11.66
N LEU A 305 -4.84 -1.14 12.18
CA LEU A 305 -6.01 -1.12 11.33
C LEU A 305 -6.92 0.03 11.70
N LEU A 306 -7.26 0.87 10.75
CA LEU A 306 -8.31 1.86 10.90
C LEU A 306 -9.61 1.35 10.31
N THR A 307 -10.70 1.63 11.01
CA THR A 307 -12.04 1.31 10.55
C THR A 307 -12.86 2.58 10.52
N LEU A 308 -13.49 2.89 9.40
CA LEU A 308 -14.24 4.13 9.27
C LEU A 308 -15.42 4.09 10.21
N TYR A 309 -15.73 5.21 10.82
CA TYR A 309 -16.99 5.30 11.54
C TYR A 309 -18.20 4.96 10.70
N GLY A 310 -19.22 4.36 11.33
CA GLY A 310 -20.56 4.33 10.68
C GLY A 310 -21.17 5.76 10.58
N LEU A 311 -22.23 5.97 9.78
CA LEU A 311 -23.00 7.24 9.87
C LEU A 311 -23.69 7.38 11.23
N GLY A 312 -23.91 8.66 11.55
CA GLY A 312 -24.54 9.17 12.83
C GLY A 312 -25.28 10.49 12.70
N LEU A 313 -25.95 10.88 13.75
CA LEU A 313 -26.80 12.04 13.77
C LEU A 313 -26.17 13.40 13.98
N GLU A 314 -24.95 13.35 14.53
CA GLU A 314 -24.21 14.62 14.84
C GLU A 314 -23.76 15.46 13.63
#